data_3V2A
#
_entry.id   3V2A
#
_cell.length_a   80.969
_cell.length_b   80.969
_cell.length_c   332.063
_cell.angle_alpha   90.00
_cell.angle_beta   90.00
_cell.angle_gamma   120.00
#
_symmetry.space_group_name_H-M   'P 65 2 2'
#
loop_
_entity.id
_entity.type
_entity.pdbx_description
1 polymer 'Vascular endothelial growth factor receptor 2'
2 polymer 'Vascular endothelial growth factor A'
#
loop_
_entity_poly.entity_id
_entity_poly.type
_entity_poly.pdbx_seq_one_letter_code
_entity_poly.pdbx_strand_id
1 'polypeptide(L)'
;MQSKVLLAVALWLCVETRAASVGLPSVSLDLPRLSIQKDILTIKANTTLQITCRGQRDLDWLWPNNQSGSEQRVEVTECS
DGLFCKTLTIPKVIGNDTGAYKCFYRETDLASVIYVYVQDYRSPFIASVSDQHGVVYITENKNKTVVIPCLGSISNLNVS
LCARYPEKRFVPDGNRISWDSKKGFTIPSYMISYAGMVFCEAKINDESYQSIMYIVVVVGYRIYDVVLSPSHGIELSVGE
KLVLNCTARTELNVGIDFNWEYPSSKHQHKKLVNRDLKTQSGSEMKKFLSTLTIDGVTRSDQGLYTCAASSGLMTKKNST
FVRVHEKPFVAFGSGMESLVEATVGERVRIPAKYLGYPPPEIKWYKNGIPLESNHTIKAGHVLTIMEVSERDTGNYTVIL
TNPISKEKQSHVVSLVVYVPPQIGEKSLISPVDSYQYGTTQTLTCTVYAIPPPHHIHWYWQLEEECANEPSQAVSVTNPY
PCEEWRSVEDFQGGNKIEVNKNQFALIEGKNKTVSTLVIQAANVSALYKCEAVNKVGRGERVISFHVTRGPEITLQPDMQ
PTEQESVSLWCTADRSTFENLTWYKLGPQPLPIHVGELPTPVCKNLDTLWKLNATMFSNSTNDILIMELKNASLQDQGDY
VCLAQDRKTKKRHCVVRQLTVLERVAPTITGNLENQTTSIGESIEVSCTASGNPPPQIMWFKDNETLVEDSGIVLKDGNR
NLTIRRVRKEDEGLYTCQACSVLGCAKVEAFFIIEGAQEKTNLERTHHHHHH
;
R
2 'polypeptide(L)'
;AEFGSHHHHHHGSAPMAEGGGQNHHEVVKFMDVYQRSYCHPIETLVDIFQEYPDEIEYIFKPSCVPLMRCGGCCNDEGLE
CVPTEESNITMQIMRIKPHQGQHIGEMSFLQHNKCECRPKKDRARQENCDKPRR
;
A
#
# COMPACT_ATOMS: atom_id res chain seq x y z
N GLN A 132 0.88 -21.25 -8.76
CA GLN A 132 0.44 -20.98 -10.12
C GLN A 132 -0.76 -20.05 -10.16
N HIS A 133 -0.50 -18.78 -10.47
CA HIS A 133 -1.52 -17.75 -10.41
C HIS A 133 -1.24 -16.72 -11.51
N GLY A 134 -2.24 -15.89 -11.80
CA GLY A 134 -2.12 -14.86 -12.81
C GLY A 134 -2.23 -13.49 -12.19
N VAL A 135 -2.14 -12.45 -13.01
CA VAL A 135 -2.23 -11.08 -12.51
C VAL A 135 -2.99 -10.15 -13.47
N VAL A 136 -3.76 -9.23 -12.90
CA VAL A 136 -4.62 -8.35 -13.67
C VAL A 136 -4.61 -6.94 -13.14
N TYR A 137 -4.10 -5.99 -13.93
CA TYR A 137 -3.97 -4.62 -13.46
C TYR A 137 -5.17 -3.75 -13.85
N ILE A 138 -5.41 -2.70 -13.06
CA ILE A 138 -6.48 -1.73 -13.34
C ILE A 138 -6.05 -0.30 -13.07
N THR A 139 -6.41 0.61 -13.97
CA THR A 139 -6.08 2.03 -13.79
C THR A 139 -7.06 2.72 -12.85
N GLU A 140 -6.67 3.90 -12.37
CA GLU A 140 -7.50 4.67 -11.46
C GLU A 140 -8.76 5.16 -12.16
N ASN A 141 -8.62 5.56 -13.42
CA ASN A 141 -9.76 5.85 -14.27
C ASN A 141 -10.45 4.57 -14.70
N LYS A 142 -11.27 4.01 -13.81
CA LYS A 142 -11.93 2.73 -14.05
C LYS A 142 -12.83 2.77 -15.27
N ASN A 143 -13.98 2.12 -15.16
CA ASN A 143 -14.94 2.05 -16.26
C ASN A 143 -14.32 1.63 -17.59
N LYS A 144 -13.17 0.97 -17.52
CA LYS A 144 -12.58 0.33 -18.68
C LYS A 144 -13.07 -1.12 -18.73
N THR A 145 -12.63 -1.88 -19.72
CA THR A 145 -13.08 -3.26 -19.87
C THR A 145 -11.91 -4.24 -19.78
N VAL A 146 -12.13 -5.35 -19.08
CA VAL A 146 -11.06 -6.32 -18.82
C VAL A 146 -11.40 -7.76 -19.20
N VAL A 147 -10.37 -8.54 -19.50
CA VAL A 147 -10.54 -9.88 -20.02
C VAL A 147 -9.65 -10.89 -19.32
N ILE A 148 -10.23 -11.72 -18.46
CA ILE A 148 -9.50 -12.85 -17.91
C ILE A 148 -9.49 -13.95 -18.96
N PRO A 149 -8.29 -14.44 -19.30
CA PRO A 149 -8.09 -15.45 -20.34
C PRO A 149 -8.61 -16.83 -19.94
N CYS A 150 -9.88 -16.87 -19.53
CA CYS A 150 -10.57 -18.13 -19.33
C CYS A 150 -10.89 -18.69 -20.69
N LEU A 151 -9.91 -19.31 -21.33
CA LEU A 151 -10.11 -19.84 -22.67
C LEU A 151 -10.59 -21.29 -22.64
N GLY A 152 -11.66 -21.55 -23.38
CA GLY A 152 -12.24 -22.87 -23.44
C GLY A 152 -12.64 -23.27 -24.85
N SER A 153 -12.92 -24.55 -25.03
CA SER A 153 -13.23 -25.09 -26.35
C SER A 153 -14.73 -24.98 -26.67
N ILE A 154 -15.57 -25.43 -25.74
CA ILE A 154 -17.00 -25.53 -25.97
C ILE A 154 -17.65 -24.17 -26.22
N SER A 155 -18.16 -23.99 -27.44
CA SER A 155 -18.64 -22.69 -27.90
C SER A 155 -19.75 -22.11 -27.03
N ASN A 156 -20.28 -22.92 -26.12
CA ASN A 156 -21.40 -22.50 -25.30
C ASN A 156 -21.40 -23.18 -23.94
N LEU A 157 -20.70 -22.58 -22.99
CA LEU A 157 -20.60 -23.16 -21.65
C LEU A 157 -21.26 -22.30 -20.59
N ASN A 158 -21.85 -22.96 -19.59
CA ASN A 158 -22.33 -22.28 -18.40
C ASN A 158 -21.14 -21.89 -17.52
N VAL A 159 -20.31 -20.97 -18.04
CA VAL A 159 -19.11 -20.52 -17.33
C VAL A 159 -19.32 -19.17 -16.66
N SER A 160 -18.93 -19.09 -15.38
CA SER A 160 -19.06 -17.84 -14.63
C SER A 160 -17.71 -17.40 -14.08
N LEU A 161 -17.69 -16.24 -13.43
CA LEU A 161 -16.48 -15.71 -12.83
C LEU A 161 -16.63 -15.46 -11.34
N CYS A 162 -16.18 -16.41 -10.52
CA CYS A 162 -16.22 -16.22 -9.08
C CYS A 162 -15.12 -15.26 -8.60
N ALA A 163 -15.37 -14.57 -7.47
CA ALA A 163 -14.43 -13.56 -6.97
C ALA A 163 -14.15 -13.66 -5.46
N ARG A 164 -13.03 -13.08 -5.03
CA ARG A 164 -12.61 -13.00 -3.64
C ARG A 164 -11.61 -11.86 -3.57
N TYR A 165 -11.84 -10.85 -2.74
CA TYR A 165 -13.01 -10.77 -1.89
C TYR A 165 -13.70 -9.44 -2.12
N PRO A 166 -14.98 -9.37 -1.77
CA PRO A 166 -15.64 -10.49 -1.10
C PRO A 166 -16.15 -11.51 -2.08
N GLU A 167 -16.34 -12.74 -1.61
CA GLU A 167 -16.87 -13.81 -2.43
C GLU A 167 -18.09 -13.38 -3.20
N LYS A 168 -17.90 -13.05 -4.47
CA LYS A 168 -19.01 -12.81 -5.39
C LYS A 168 -18.91 -13.82 -6.54
N ARG A 169 -19.82 -13.72 -7.51
CA ARG A 169 -19.82 -14.65 -8.65
C ARG A 169 -20.64 -14.09 -9.81
N PHE A 170 -19.96 -13.72 -10.90
CA PHE A 170 -20.58 -12.96 -11.98
C PHE A 170 -21.01 -13.83 -13.16
N VAL A 171 -21.99 -13.33 -13.92
CA VAL A 171 -22.57 -14.07 -15.04
C VAL A 171 -22.88 -13.18 -16.24
N PRO A 172 -22.57 -13.67 -17.46
CA PRO A 172 -22.83 -12.91 -18.69
C PRO A 172 -24.25 -12.38 -18.75
N ASP A 173 -24.47 -11.34 -19.56
CA ASP A 173 -25.78 -10.74 -19.71
C ASP A 173 -25.90 -10.15 -21.10
N GLY A 174 -24.93 -10.44 -21.95
CA GLY A 174 -24.88 -9.90 -23.29
C GLY A 174 -24.40 -8.46 -23.30
N ASN A 175 -25.26 -7.57 -22.81
CA ASN A 175 -24.95 -6.14 -22.74
C ASN A 175 -23.51 -5.86 -22.35
N ARG A 176 -23.24 -5.90 -21.05
CA ARG A 176 -21.92 -5.55 -20.53
C ARG A 176 -21.04 -6.79 -20.34
N ILE A 177 -21.58 -7.81 -19.71
CA ILE A 177 -20.81 -9.02 -19.37
C ILE A 177 -20.90 -10.08 -20.45
N SER A 178 -19.88 -10.93 -20.50
CA SER A 178 -19.84 -12.01 -21.48
C SER A 178 -18.64 -12.93 -21.26
N TRP A 179 -18.76 -14.17 -21.73
CA TRP A 179 -17.63 -15.08 -21.80
C TRP A 179 -17.60 -15.70 -23.18
N ASP A 180 -16.48 -15.53 -23.89
CA ASP A 180 -16.34 -16.15 -25.20
C ASP A 180 -15.48 -17.41 -25.09
N SER A 181 -15.79 -18.41 -25.91
CA SER A 181 -15.06 -19.67 -25.88
C SER A 181 -13.56 -19.46 -25.96
N LYS A 182 -13.11 -18.74 -26.99
CA LYS A 182 -11.68 -18.59 -27.22
C LYS A 182 -11.17 -17.18 -26.89
N LYS A 183 -12.04 -16.34 -26.34
CA LYS A 183 -11.63 -14.99 -25.96
C LYS A 183 -11.38 -14.87 -24.45
N GLY A 184 -12.22 -15.53 -23.66
CA GLY A 184 -12.10 -15.46 -22.21
C GLY A 184 -13.24 -14.69 -21.59
N PHE A 185 -13.23 -14.57 -20.26
CA PHE A 185 -14.30 -13.88 -19.55
C PHE A 185 -14.11 -12.36 -19.58
N THR A 186 -15.20 -11.65 -19.83
CA THR A 186 -15.14 -10.22 -20.08
C THR A 186 -16.01 -9.44 -19.09
N ILE A 187 -15.52 -8.27 -18.68
CA ILE A 187 -16.18 -7.47 -17.68
C ILE A 187 -15.45 -6.13 -17.52
N PRO A 188 -16.19 -5.03 -17.34
CA PRO A 188 -15.56 -3.72 -17.18
C PRO A 188 -14.98 -3.49 -15.77
N SER A 189 -13.74 -3.03 -15.75
CA SER A 189 -12.95 -2.87 -14.53
C SER A 189 -13.75 -2.60 -13.25
N TYR A 190 -14.41 -1.45 -13.20
CA TYR A 190 -15.07 -0.97 -11.99
C TYR A 190 -16.01 -2.00 -11.38
N MET A 191 -16.28 -3.07 -12.10
CA MET A 191 -17.17 -4.12 -11.64
C MET A 191 -16.50 -5.08 -10.65
N ILE A 192 -15.18 -4.98 -10.53
CA ILE A 192 -14.42 -5.93 -9.71
C ILE A 192 -13.23 -5.30 -9.01
N SER A 193 -12.94 -4.04 -9.36
CA SER A 193 -11.77 -3.34 -8.84
C SER A 193 -11.60 -3.44 -7.32
N TYR A 194 -12.66 -3.89 -6.64
CA TYR A 194 -12.62 -4.00 -5.20
C TYR A 194 -12.09 -5.36 -4.73
N ALA A 195 -12.15 -6.34 -5.62
CA ALA A 195 -11.78 -7.72 -5.28
C ALA A 195 -10.27 -7.91 -5.17
N GLY A 196 -9.87 -9.03 -4.57
CA GLY A 196 -8.46 -9.33 -4.40
C GLY A 196 -7.94 -10.35 -5.40
N MET A 197 -8.86 -11.17 -5.92
CA MET A 197 -8.50 -12.20 -6.88
C MET A 197 -9.75 -12.81 -7.53
N VAL A 198 -9.71 -13.02 -8.83
CA VAL A 198 -10.82 -13.64 -9.54
C VAL A 198 -10.37 -14.87 -10.33
N PHE A 199 -11.33 -15.71 -10.69
CA PHE A 199 -11.07 -16.93 -11.44
C PHE A 199 -12.36 -17.38 -12.06
N CYS A 200 -12.29 -17.96 -13.25
CA CYS A 200 -13.49 -18.45 -13.91
C CYS A 200 -13.78 -19.89 -13.48
N GLU A 201 -15.06 -20.23 -13.42
CA GLU A 201 -15.47 -21.57 -13.02
C GLU A 201 -16.59 -22.09 -13.88
N ALA A 202 -16.51 -23.35 -14.27
CA ALA A 202 -17.51 -23.97 -15.11
C ALA A 202 -18.19 -25.13 -14.41
N LYS A 203 -19.52 -25.12 -14.41
CA LYS A 203 -20.30 -26.22 -13.87
C LYS A 203 -20.45 -27.28 -14.95
N ILE A 204 -19.87 -28.46 -14.71
CA ILE A 204 -20.01 -29.56 -15.65
C ILE A 204 -20.43 -30.85 -14.96
N ASN A 205 -21.73 -30.96 -14.68
CA ASN A 205 -22.33 -32.22 -14.25
C ASN A 205 -21.76 -32.78 -12.94
N ASP A 206 -20.85 -33.75 -13.07
CA ASP A 206 -20.25 -34.40 -11.92
C ASP A 206 -19.60 -33.39 -10.97
N GLU A 207 -18.40 -32.95 -11.32
CA GLU A 207 -17.70 -31.96 -10.52
C GLU A 207 -17.63 -30.62 -11.26
N SER A 208 -17.10 -29.61 -10.58
CA SER A 208 -16.92 -28.29 -11.16
C SER A 208 -15.45 -27.97 -11.32
N TYR A 209 -15.08 -27.40 -12.45
CA TYR A 209 -13.68 -27.12 -12.75
C TYR A 209 -13.48 -25.63 -12.95
N GLN A 210 -12.32 -25.13 -12.53
CA GLN A 210 -12.04 -23.70 -12.56
C GLN A 210 -10.62 -23.37 -13.01
N SER A 211 -10.43 -22.11 -13.41
CA SER A 211 -9.13 -21.63 -13.87
C SER A 211 -8.22 -21.37 -12.68
N ILE A 212 -7.01 -20.89 -12.95
CA ILE A 212 -6.11 -20.51 -11.87
C ILE A 212 -6.57 -19.19 -11.30
N MET A 213 -5.87 -18.75 -10.25
CA MET A 213 -6.23 -17.51 -9.58
C MET A 213 -5.56 -16.34 -10.26
N TYR A 214 -6.34 -15.36 -10.68
CA TYR A 214 -5.78 -14.10 -11.16
C TYR A 214 -5.88 -13.06 -10.07
N ILE A 215 -4.78 -12.35 -9.82
CA ILE A 215 -4.79 -11.35 -8.76
C ILE A 215 -5.11 -9.96 -9.29
N VAL A 216 -6.16 -9.36 -8.76
CA VAL A 216 -6.57 -8.02 -9.14
C VAL A 216 -5.66 -6.97 -8.50
N VAL A 217 -5.26 -5.98 -9.29
CA VAL A 217 -4.32 -4.96 -8.82
C VAL A 217 -4.63 -3.56 -9.35
N VAL A 218 -5.17 -2.70 -8.51
CA VAL A 218 -5.44 -1.34 -8.92
C VAL A 218 -4.20 -0.46 -8.78
N VAL A 219 -3.87 0.29 -9.81
CA VAL A 219 -2.70 1.15 -9.78
C VAL A 219 -2.96 2.52 -10.40
N GLY A 220 -2.27 3.53 -9.92
CA GLY A 220 -2.44 4.88 -10.42
C GLY A 220 -1.14 5.47 -10.94
N TYR A 221 -1.21 6.72 -11.40
CA TYR A 221 -0.04 7.36 -11.98
C TYR A 221 -0.16 8.88 -11.91
N ARG A 222 -1.37 9.36 -11.69
CA ARG A 222 -1.60 10.80 -11.77
C ARG A 222 -0.95 11.56 -10.63
N ILE A 223 0.07 12.36 -10.98
CA ILE A 223 0.72 13.24 -10.02
C ILE A 223 0.23 14.66 -10.26
N TYR A 224 -0.66 15.12 -9.39
CA TYR A 224 -1.29 16.41 -9.58
C TYR A 224 -0.29 17.55 -9.48
N ASP A 225 0.56 17.50 -8.46
CA ASP A 225 1.61 18.51 -8.33
C ASP A 225 2.68 18.12 -7.32
N VAL A 226 3.85 18.75 -7.46
CA VAL A 226 4.93 18.61 -6.50
C VAL A 226 5.39 20.02 -6.10
N VAL A 227 5.49 20.25 -4.80
CA VAL A 227 5.94 21.54 -4.30
C VAL A 227 6.61 21.42 -2.94
N LEU A 228 7.83 21.97 -2.84
CA LEU A 228 8.59 21.89 -1.61
C LEU A 228 8.51 23.16 -0.79
N SER A 229 8.32 22.99 0.52
CA SER A 229 8.27 24.13 1.44
C SER A 229 9.68 24.46 1.93
N PRO A 230 10.10 25.72 1.76
CA PRO A 230 9.28 26.78 1.13
C PRO A 230 9.47 26.85 -0.38
N SER A 231 8.50 27.44 -1.07
CA SER A 231 8.61 27.67 -2.50
C SER A 231 9.56 28.83 -2.76
N HIS A 232 9.34 29.94 -2.07
CA HIS A 232 10.17 31.13 -2.21
C HIS A 232 11.62 30.83 -1.86
N GLY A 233 12.52 31.71 -2.29
CA GLY A 233 13.93 31.55 -2.04
C GLY A 233 14.26 31.34 -0.58
N ILE A 234 15.53 31.04 -0.29
CA ILE A 234 15.98 30.83 1.07
C ILE A 234 17.36 31.43 1.28
N GLU A 235 17.49 32.30 2.26
CA GLU A 235 18.81 32.79 2.66
C GLU A 235 19.14 32.25 4.04
N LEU A 236 20.17 31.43 4.11
CA LEU A 236 20.56 30.80 5.37
C LEU A 236 21.91 31.23 5.89
N SER A 237 22.25 30.73 7.08
CA SER A 237 23.52 31.04 7.74
C SER A 237 24.30 29.76 8.03
N VAL A 238 25.62 29.81 7.84
CA VAL A 238 26.45 28.63 8.03
C VAL A 238 26.20 27.97 9.38
N GLY A 239 26.05 26.64 9.37
CA GLY A 239 25.83 25.89 10.59
C GLY A 239 24.37 25.76 10.96
N GLU A 240 23.53 26.58 10.36
CA GLU A 240 22.09 26.56 10.65
C GLU A 240 21.41 25.35 10.00
N LYS A 241 20.69 24.57 10.81
CA LYS A 241 20.01 23.37 10.32
C LYS A 241 19.06 23.67 9.16
N LEU A 242 19.12 22.85 8.13
CA LEU A 242 18.26 23.01 6.97
C LEU A 242 17.33 21.82 6.76
N VAL A 243 16.04 22.11 6.67
CA VAL A 243 15.05 21.08 6.44
C VAL A 243 14.10 21.50 5.32
N LEU A 244 14.03 20.65 4.29
CA LEU A 244 13.21 20.95 3.13
C LEU A 244 12.14 19.88 2.93
N ASN A 245 10.89 20.26 3.14
CA ASN A 245 9.77 19.35 2.90
C ASN A 245 9.40 19.35 1.41
N CYS A 246 9.47 18.17 0.78
CA CYS A 246 8.99 18.02 -0.60
C CYS A 246 7.69 17.21 -0.63
N THR A 247 6.67 17.76 -1.27
CA THR A 247 5.33 17.20 -1.14
C THR A 247 4.66 16.94 -2.47
N ALA A 248 4.28 15.68 -2.69
CA ALA A 248 3.65 15.27 -3.93
C ALA A 248 2.22 14.85 -3.66
N ARG A 249 1.28 15.44 -4.38
CA ARG A 249 -0.12 15.04 -4.31
C ARG A 249 -0.46 14.16 -5.50
N THR A 250 -0.88 12.94 -5.23
CA THR A 250 -1.18 11.98 -6.30
C THR A 250 -2.60 11.50 -6.15
N GLU A 251 -3.09 10.78 -7.15
CA GLU A 251 -4.35 10.08 -6.97
C GLU A 251 -4.05 8.90 -6.07
N LEU A 252 -4.99 7.99 -5.94
CA LEU A 252 -4.80 6.87 -5.04
C LEU A 252 -4.09 5.72 -5.72
N ASN A 253 -3.75 4.70 -4.96
CA ASN A 253 -3.08 3.52 -5.50
C ASN A 253 -1.83 3.88 -6.30
N VAL A 254 -1.32 5.08 -6.04
CA VAL A 254 -0.09 5.54 -6.65
C VAL A 254 1.11 5.11 -5.80
N GLY A 255 2.17 4.65 -6.46
CA GLY A 255 3.44 4.44 -5.80
C GLY A 255 4.32 5.61 -6.20
N ILE A 256 5.21 6.05 -5.33
CA ILE A 256 6.03 7.22 -5.66
C ILE A 256 7.52 7.08 -5.32
N ASP A 257 8.36 7.44 -6.28
CA ASP A 257 9.78 7.50 -6.05
C ASP A 257 10.26 8.94 -6.07
N PHE A 258 11.05 9.33 -5.07
CA PHE A 258 11.58 10.67 -4.97
C PHE A 258 13.04 10.72 -5.40
N ASN A 259 13.41 11.77 -6.13
CA ASN A 259 14.79 11.96 -6.55
C ASN A 259 15.24 13.41 -6.53
N TRP A 260 16.39 13.64 -5.89
CA TRP A 260 16.86 14.99 -5.62
C TRP A 260 18.10 15.40 -6.41
N GLU A 261 18.09 16.65 -6.86
CA GLU A 261 19.23 17.24 -7.53
C GLU A 261 19.68 18.45 -6.72
N TYR A 262 20.99 18.58 -6.52
CA TYR A 262 21.53 19.59 -5.64
C TYR A 262 23.03 19.40 -5.54
N PRO A 263 23.73 20.35 -4.89
CA PRO A 263 25.17 20.23 -4.63
C PRO A 263 25.55 18.85 -4.11
N LEU A 272 17.99 12.78 4.81
CA LEU A 272 16.86 12.66 3.89
C LEU A 272 15.95 11.44 4.13
N VAL A 273 14.67 11.70 4.38
CA VAL A 273 13.68 10.66 4.69
C VAL A 273 12.27 11.01 4.19
N ASN A 274 11.53 10.01 3.73
CA ASN A 274 10.18 10.22 3.17
C ASN A 274 9.12 9.20 3.59
N ARG A 275 7.87 9.65 3.68
CA ARG A 275 6.77 8.82 4.16
C ARG A 275 5.43 9.19 3.50
N ASP A 276 4.51 8.24 3.43
CA ASP A 276 3.15 8.52 2.95
C ASP A 276 2.42 9.29 4.05
N LEU A 277 1.23 9.79 3.75
CA LEU A 277 0.47 10.58 4.73
C LEU A 277 -1.01 10.22 4.80
N SER A 283 -10.95 12.83 0.63
CA SER A 283 -10.67 13.13 -0.78
C SER A 283 -10.07 11.91 -1.48
N GLU A 284 -10.22 11.88 -2.81
CA GLU A 284 -9.63 10.81 -3.61
C GLU A 284 -8.20 11.18 -4.02
N MET A 285 -7.40 11.57 -3.04
CA MET A 285 -6.06 12.08 -3.31
C MET A 285 -5.05 11.76 -2.20
N LYS A 286 -3.93 11.16 -2.61
CA LYS A 286 -2.83 10.80 -1.71
C LYS A 286 -1.84 11.94 -1.55
N LYS A 287 -0.99 11.86 -0.53
CA LYS A 287 0.09 12.82 -0.35
C LYS A 287 1.33 12.14 0.22
N PHE A 288 2.41 12.15 -0.56
CA PHE A 288 3.69 11.63 -0.08
C PHE A 288 4.61 12.80 0.21
N LEU A 289 5.39 12.67 1.27
CA LEU A 289 6.33 13.72 1.64
C LEU A 289 7.75 13.19 1.63
N SER A 290 8.67 13.99 1.09
CA SER A 290 10.09 13.66 1.15
C SER A 290 10.84 14.82 1.75
N THR A 291 11.43 14.58 2.93
CA THR A 291 12.12 15.64 3.65
C THR A 291 13.63 15.47 3.62
N LEU A 292 14.30 16.44 3.01
CA LEU A 292 15.74 16.47 3.01
C LEU A 292 16.22 17.23 4.23
N THR A 293 17.30 16.75 4.85
CA THR A 293 17.82 17.41 6.05
C THR A 293 19.33 17.49 6.09
N ILE A 294 19.84 18.70 6.36
CA ILE A 294 21.25 18.91 6.65
C ILE A 294 21.34 19.81 7.87
N ASP A 295 22.34 19.58 8.73
CA ASP A 295 22.55 20.46 9.87
C ASP A 295 23.72 21.39 9.60
N GLY A 296 24.93 20.86 9.77
CA GLY A 296 26.13 21.61 9.46
C GLY A 296 26.11 22.01 8.00
N VAL A 297 25.55 23.17 7.71
CA VAL A 297 25.46 23.65 6.34
C VAL A 297 26.66 24.54 6.00
N THR A 298 27.42 24.14 4.98
CA THR A 298 28.57 24.92 4.57
C THR A 298 28.16 25.98 3.56
N ARG A 299 29.15 26.70 3.04
CA ARG A 299 28.88 27.74 2.04
C ARG A 299 28.63 27.10 0.67
N SER A 300 29.14 25.88 0.49
CA SER A 300 29.07 25.18 -0.79
C SER A 300 27.68 24.62 -1.09
N ASP A 301 26.90 24.38 -0.03
CA ASP A 301 25.55 23.84 -0.18
C ASP A 301 24.63 24.88 -0.81
N GLN A 302 25.18 26.03 -1.15
CA GLN A 302 24.40 27.15 -1.68
C GLN A 302 23.98 26.92 -3.14
N GLY A 303 23.51 25.72 -3.45
CA GLY A 303 23.09 25.41 -4.80
C GLY A 303 21.59 25.36 -4.97
N LEU A 304 21.14 25.13 -6.21
CA LEU A 304 19.72 24.95 -6.48
C LEU A 304 19.29 23.58 -5.99
N TYR A 305 18.11 23.51 -5.40
CA TYR A 305 17.60 22.25 -4.87
C TYR A 305 16.38 21.74 -5.62
N THR A 306 16.46 20.49 -6.05
CA THR A 306 15.48 19.89 -6.92
C THR A 306 14.89 18.61 -6.35
N CYS A 307 13.56 18.61 -6.22
CA CYS A 307 12.84 17.39 -5.89
C CYS A 307 12.04 17.00 -7.11
N ALA A 308 12.04 15.70 -7.41
CA ALA A 308 11.26 15.17 -8.52
C ALA A 308 10.54 13.93 -8.06
N ALA A 309 9.28 13.79 -8.46
CA ALA A 309 8.52 12.60 -8.11
C ALA A 309 8.06 11.85 -9.34
N SER A 310 8.33 10.54 -9.38
CA SER A 310 7.88 9.71 -10.48
C SER A 310 6.89 8.65 -9.96
N SER A 311 5.76 8.55 -10.66
CA SER A 311 4.65 7.69 -10.24
C SER A 311 4.73 6.36 -10.95
N GLY A 312 5.80 6.17 -11.69
CA GLY A 312 5.88 5.12 -12.67
C GLY A 312 5.86 5.79 -14.03
N LEU A 313 4.69 5.81 -14.66
CA LEU A 313 4.57 6.37 -15.99
C LEU A 313 4.27 7.88 -16.01
N MET A 314 4.72 8.59 -14.98
CA MET A 314 4.66 10.05 -15.00
C MET A 314 5.66 10.62 -14.00
N THR A 315 5.93 11.92 -14.12
CA THR A 315 6.90 12.56 -13.26
C THR A 315 6.69 14.06 -13.25
N LYS A 316 6.79 14.66 -12.06
CA LYS A 316 6.77 16.10 -11.92
C LYS A 316 7.89 16.52 -10.98
N LYS A 317 8.23 17.80 -11.01
CA LYS A 317 9.27 18.33 -10.14
C LYS A 317 9.02 19.80 -9.81
N ASN A 318 9.59 20.24 -8.69
CA ASN A 318 9.56 21.64 -8.30
C ASN A 318 10.95 21.94 -7.78
N SER A 319 11.28 23.22 -7.57
CA SER A 319 12.59 23.58 -7.07
C SER A 319 12.58 24.87 -6.25
N THR A 320 13.72 25.16 -5.63
CA THR A 320 13.91 26.38 -4.87
C THR A 320 15.39 26.66 -4.73
N PHE A 321 15.77 27.92 -4.86
CA PHE A 321 17.17 28.29 -4.69
C PHE A 321 17.45 28.69 -3.26
N VAL A 322 18.56 28.21 -2.72
CA VAL A 322 18.96 28.53 -1.37
C VAL A 322 20.39 29.05 -1.36
N ARG A 323 20.64 30.09 -0.57
CA ARG A 323 21.98 30.64 -0.45
C ARG A 323 22.48 30.47 0.98
N VAL A 324 23.72 30.01 1.12
CA VAL A 324 24.32 29.82 2.42
C VAL A 324 25.31 30.94 2.74
N HIS A 325 24.83 31.95 3.46
CA HIS A 325 25.67 33.07 3.86
C HIS A 325 26.58 32.70 5.02
N GLU A 326 27.72 33.36 5.11
CA GLU A 326 28.59 33.21 6.26
C GLU A 326 28.03 34.06 7.41
N LYS A 327 28.19 33.56 8.63
CA LYS A 327 27.75 34.31 9.81
C LYS A 327 28.15 35.78 9.64
N PRO A 328 27.15 36.66 9.56
CA PRO A 328 27.29 38.10 9.32
C PRO A 328 28.12 38.87 10.36
N PHE A 329 28.37 40.14 10.07
CA PHE A 329 29.20 41.03 10.89
C PHE A 329 30.68 40.85 10.60
N GLU B 26 -27.81 -14.77 26.32
CA GLU B 26 -26.82 -14.10 25.48
C GLU B 26 -26.15 -12.94 26.21
N VAL B 27 -25.83 -13.16 27.49
CA VAL B 27 -25.16 -12.13 28.30
C VAL B 27 -23.92 -12.71 28.98
N VAL B 28 -22.78 -12.07 28.71
CA VAL B 28 -21.49 -12.62 29.10
C VAL B 28 -21.25 -12.59 30.60
N LYS B 29 -20.73 -13.71 31.12
CA LYS B 29 -20.39 -13.80 32.53
C LYS B 29 -19.32 -12.78 32.88
N PHE B 30 -19.08 -12.61 34.18
CA PHE B 30 -18.08 -11.67 34.65
C PHE B 30 -16.68 -12.22 34.44
N MET B 31 -16.29 -13.19 35.27
CA MET B 31 -14.93 -13.72 35.20
C MET B 31 -14.54 -14.15 33.79
N ASP B 32 -15.52 -14.27 32.90
CA ASP B 32 -15.24 -14.51 31.49
C ASP B 32 -14.70 -13.25 30.83
N VAL B 33 -15.45 -12.16 30.96
CA VAL B 33 -15.02 -10.87 30.43
C VAL B 33 -13.65 -10.50 30.96
N TYR B 34 -13.39 -10.84 32.22
CA TYR B 34 -12.09 -10.55 32.81
C TYR B 34 -10.97 -11.21 32.02
N GLN B 35 -10.97 -12.54 32.00
CA GLN B 35 -9.89 -13.29 31.37
C GLN B 35 -9.84 -13.06 29.86
N ARG B 36 -10.99 -12.89 29.25
CA ARG B 36 -11.04 -12.64 27.81
C ARG B 36 -10.46 -11.26 27.48
N SER B 37 -10.12 -10.49 28.51
CA SER B 37 -9.78 -9.09 28.30
C SER B 37 -8.44 -8.65 28.88
N TYR B 38 -7.75 -9.53 29.56
CA TYR B 38 -6.54 -9.10 30.25
C TYR B 38 -5.33 -9.02 29.34
N CYS B 39 -4.46 -8.04 29.64
CA CYS B 39 -3.19 -7.85 28.94
C CYS B 39 -2.55 -9.16 28.46
N HIS B 40 -2.79 -9.50 27.19
CA HIS B 40 -2.28 -10.72 26.60
C HIS B 40 -2.13 -10.57 25.09
N PRO B 41 -1.27 -11.40 24.48
CA PRO B 41 -1.10 -11.38 23.03
C PRO B 41 -2.39 -11.67 22.28
N ILE B 42 -2.91 -10.67 21.57
CA ILE B 42 -4.12 -10.82 20.79
C ILE B 42 -3.85 -10.57 19.30
N GLU B 43 -4.42 -11.40 18.44
CA GLU B 43 -4.25 -11.24 16.99
C GLU B 43 -4.75 -9.88 16.52
N THR B 44 -3.93 -9.21 15.72
CA THR B 44 -4.19 -7.84 15.31
C THR B 44 -3.93 -7.64 13.83
N LEU B 45 -4.80 -6.88 13.16
CA LEU B 45 -4.60 -6.55 11.75
C LEU B 45 -3.77 -5.27 11.60
N VAL B 46 -2.55 -5.42 11.09
CA VAL B 46 -1.61 -4.31 11.04
C VAL B 46 -1.26 -3.91 9.62
N ASP B 47 -1.30 -2.61 9.33
CA ASP B 47 -0.94 -2.13 8.00
C ASP B 47 0.56 -2.31 7.76
N ILE B 48 0.90 -2.78 6.58
CA ILE B 48 2.31 -3.02 6.28
C ILE B 48 3.07 -1.72 6.29
N PHE B 49 2.52 -0.68 5.69
CA PHE B 49 3.19 0.61 5.66
C PHE B 49 3.34 1.17 7.07
N GLN B 50 2.66 0.54 8.02
CA GLN B 50 2.79 0.90 9.42
C GLN B 50 4.12 0.35 9.90
N GLU B 51 4.58 -0.71 9.25
CA GLU B 51 5.83 -1.38 9.59
C GLU B 51 6.98 -0.93 8.72
N TYR B 52 6.69 -0.68 7.44
CA TYR B 52 7.73 -0.28 6.50
C TYR B 52 7.33 1.02 5.83
N PRO B 53 7.42 2.14 6.57
CA PRO B 53 6.93 3.45 6.12
C PRO B 53 7.71 4.06 4.96
N ASP B 54 8.92 3.56 4.71
CA ASP B 54 9.78 4.16 3.70
C ASP B 54 9.51 3.63 2.30
N GLU B 55 8.92 2.44 2.23
CA GLU B 55 8.72 1.74 0.96
C GLU B 55 7.62 2.38 0.12
N ILE B 56 7.59 3.70 0.06
CA ILE B 56 6.53 4.42 -0.62
C ILE B 56 6.57 4.27 -2.15
N GLU B 57 7.58 3.58 -2.66
CA GLU B 57 7.70 3.36 -4.09
C GLU B 57 6.94 2.12 -4.54
N TYR B 58 6.74 1.21 -3.60
CA TYR B 58 6.02 -0.02 -3.88
C TYR B 58 4.62 0.04 -3.31
N ILE B 59 3.85 -0.99 -3.62
CA ILE B 59 2.56 -1.19 -2.97
C ILE B 59 2.39 -2.69 -2.73
N PHE B 60 1.72 -3.05 -1.63
CA PHE B 60 1.70 -4.43 -1.18
C PHE B 60 0.31 -5.05 -1.18
N LYS B 61 0.24 -6.28 -1.67
CA LYS B 61 -0.96 -7.09 -1.58
C LYS B 61 -0.64 -8.45 -0.93
N PRO B 62 -1.33 -8.76 0.18
CA PRO B 62 -2.30 -7.86 0.79
C PRO B 62 -1.62 -6.65 1.43
N SER B 63 -2.41 -5.63 1.78
CA SER B 63 -1.85 -4.37 2.25
C SER B 63 -1.70 -4.35 3.76
N CYS B 64 -2.19 -5.39 4.43
CA CYS B 64 -2.01 -5.53 5.87
C CYS B 64 -1.89 -7.00 6.29
N VAL B 65 -1.53 -7.21 7.56
CA VAL B 65 -1.22 -8.56 8.04
C VAL B 65 -1.68 -8.80 9.47
N PRO B 66 -2.02 -10.07 9.79
CA PRO B 66 -2.47 -10.45 11.13
C PRO B 66 -1.27 -10.78 12.04
N LEU B 67 -1.12 -10.02 13.12
CA LEU B 67 0.02 -10.20 14.00
C LEU B 67 -0.37 -10.16 15.48
N MET B 68 0.20 -11.06 16.26
CA MET B 68 0.03 -11.00 17.70
C MET B 68 0.66 -9.71 18.20
N ARG B 69 -0.14 -8.92 18.89
CA ARG B 69 0.39 -7.74 19.57
C ARG B 69 -0.20 -7.71 20.96
N CYS B 70 0.54 -7.12 21.88
CA CYS B 70 0.06 -6.98 23.25
C CYS B 70 -1.26 -6.23 23.26
N GLY B 71 -2.30 -6.91 23.69
CA GLY B 71 -3.63 -6.32 23.73
C GLY B 71 -4.30 -6.56 25.07
N GLY B 72 -5.43 -5.90 25.29
CA GLY B 72 -6.15 -6.04 26.54
C GLY B 72 -5.67 -5.02 27.55
N CYS B 73 -6.29 -4.99 28.72
CA CYS B 73 -6.04 -3.93 29.68
C CYS B 73 -5.38 -4.42 30.97
N CYS B 74 -4.94 -3.47 31.78
CA CYS B 74 -4.35 -3.75 33.08
C CYS B 74 -5.37 -3.52 34.19
N ASN B 75 -5.01 -3.92 35.40
CA ASN B 75 -5.91 -3.78 36.54
C ASN B 75 -5.62 -2.54 37.34
N ASP B 76 -4.87 -1.62 36.74
CA ASP B 76 -4.45 -0.43 37.47
C ASP B 76 -4.12 0.69 36.49
N GLU B 77 -4.74 1.84 36.72
CA GLU B 77 -4.46 3.05 35.94
C GLU B 77 -2.98 3.17 35.63
N GLY B 78 -2.15 3.09 36.66
CA GLY B 78 -0.72 3.29 36.52
C GLY B 78 0.07 2.21 35.81
N LEU B 79 -0.62 1.27 35.18
CA LEU B 79 0.06 0.22 34.42
C LEU B 79 -0.11 0.39 32.92
N GLU B 80 0.57 -0.46 32.15
CA GLU B 80 0.42 -0.49 30.70
C GLU B 80 0.79 -1.85 30.17
N CYS B 81 0.03 -2.33 29.18
CA CYS B 81 0.19 -3.68 28.68
C CYS B 81 1.29 -3.76 27.66
N VAL B 82 2.48 -4.16 28.09
CA VAL B 82 3.66 -4.14 27.22
C VAL B 82 4.18 -5.55 26.91
N PRO B 83 4.94 -5.69 25.81
CA PRO B 83 5.50 -7.01 25.50
C PRO B 83 6.75 -7.27 26.32
N THR B 84 7.02 -8.54 26.57
CA THR B 84 8.22 -8.96 27.29
C THR B 84 8.95 -10.00 26.45
N GLU B 85 8.30 -10.39 25.34
CA GLU B 85 8.90 -11.29 24.38
C GLU B 85 8.43 -10.94 22.97
N GLU B 86 9.38 -10.77 22.06
CA GLU B 86 9.06 -10.40 20.68
C GLU B 86 9.74 -11.35 19.69
N SER B 87 9.12 -11.52 18.53
CA SER B 87 9.63 -12.42 17.48
C SER B 87 9.07 -12.05 16.12
N ASN B 88 9.92 -11.64 15.20
CA ASN B 88 9.47 -11.45 13.82
C ASN B 88 8.94 -12.77 13.25
N ILE B 89 7.96 -12.66 12.36
CA ILE B 89 7.41 -13.83 11.69
C ILE B 89 7.40 -13.51 10.19
N THR B 90 7.30 -14.55 9.36
CA THR B 90 7.47 -14.32 7.93
C THR B 90 6.26 -14.73 7.08
N MET B 91 5.87 -13.85 6.17
CA MET B 91 4.72 -14.12 5.32
C MET B 91 4.98 -13.74 3.87
N GLN B 92 4.26 -14.37 2.97
CA GLN B 92 4.38 -14.11 1.55
C GLN B 92 3.57 -12.89 1.14
N ILE B 93 4.26 -11.83 0.73
CA ILE B 93 3.58 -10.62 0.27
C ILE B 93 3.93 -10.29 -1.17
N MET B 94 3.01 -9.67 -1.88
CA MET B 94 3.30 -9.26 -3.25
C MET B 94 3.76 -7.81 -3.28
N ARG B 95 5.04 -7.62 -3.57
CA ARG B 95 5.60 -6.27 -3.74
C ARG B 95 5.33 -5.83 -5.16
N ILE B 96 4.92 -4.57 -5.33
CA ILE B 96 4.52 -4.08 -6.63
C ILE B 96 5.04 -2.70 -6.92
N LYS B 97 5.90 -2.59 -7.93
CA LYS B 97 6.45 -1.31 -8.32
C LYS B 97 5.67 -0.80 -9.51
N PRO B 98 4.62 0.00 -9.24
CA PRO B 98 3.62 0.43 -10.24
C PRO B 98 4.20 0.73 -11.62
N HIS B 99 3.77 -0.05 -12.60
CA HIS B 99 4.18 0.13 -14.00
C HIS B 99 5.60 -0.33 -14.29
N GLN B 100 6.18 -1.12 -13.39
CA GLN B 100 7.53 -1.62 -13.61
C GLN B 100 7.69 -3.09 -13.22
N GLY B 101 6.69 -3.65 -12.54
CA GLY B 101 6.69 -5.07 -12.22
C GLY B 101 6.19 -5.42 -10.83
N GLN B 102 6.27 -6.71 -10.50
CA GLN B 102 5.89 -7.21 -9.18
C GLN B 102 6.47 -8.59 -8.94
N HIS B 103 6.31 -9.07 -7.72
CA HIS B 103 6.69 -10.43 -7.37
C HIS B 103 6.24 -10.70 -5.96
N ILE B 104 6.24 -11.97 -5.58
CA ILE B 104 5.83 -12.35 -4.23
C ILE B 104 7.02 -12.81 -3.41
N GLY B 105 7.38 -12.01 -2.41
CA GLY B 105 8.52 -12.30 -1.58
C GLY B 105 8.15 -12.51 -0.13
N GLU B 106 9.09 -13.04 0.64
CA GLU B 106 8.90 -13.20 2.07
C GLU B 106 9.16 -11.87 2.79
N MET B 107 8.22 -11.46 3.65
CA MET B 107 8.42 -10.30 4.51
C MET B 107 8.32 -10.69 5.97
N SER B 108 9.28 -10.21 6.77
CA SER B 108 9.29 -10.52 8.18
C SER B 108 8.57 -9.44 8.95
N PHE B 109 7.78 -9.84 9.94
CA PHE B 109 7.00 -8.90 10.72
C PHE B 109 7.14 -9.20 12.20
N LEU B 110 7.23 -8.16 13.01
CA LEU B 110 7.36 -8.31 14.45
C LEU B 110 6.11 -8.84 15.17
N GLN B 111 6.31 -9.78 16.10
CA GLN B 111 5.20 -10.28 16.90
C GLN B 111 5.49 -10.28 18.40
N HIS B 112 4.42 -10.20 19.19
CA HIS B 112 4.56 -10.29 20.63
C HIS B 112 4.20 -11.69 21.08
N ASN B 113 4.96 -12.20 22.04
CA ASN B 113 4.78 -13.58 22.48
C ASN B 113 4.32 -13.61 23.92
N LYS B 114 4.97 -12.80 24.75
CA LYS B 114 4.58 -12.67 26.15
C LYS B 114 4.25 -11.21 26.41
N CYS B 115 3.11 -10.98 27.05
CA CYS B 115 2.70 -9.64 27.40
C CYS B 115 2.72 -9.46 28.92
N GLU B 116 2.82 -8.21 29.37
CA GLU B 116 2.96 -7.93 30.80
C GLU B 116 2.50 -6.52 31.16
N CYS B 117 1.74 -6.41 32.26
CA CYS B 117 1.34 -5.10 32.76
C CYS B 117 2.49 -4.53 33.54
N ARG B 118 2.84 -3.29 33.25
CA ARG B 118 4.02 -2.70 33.84
C ARG B 118 3.77 -1.23 34.14
N PRO B 119 4.55 -0.68 35.07
CA PRO B 119 4.50 0.75 35.39
C PRO B 119 4.65 1.58 34.13
N LYS B 120 4.18 2.81 34.17
CA LYS B 120 4.19 3.66 32.97
C LYS B 120 5.29 4.71 33.02
#